data_3LWQ
#
_entry.id   3LWQ
#
_cell.length_a   189.152
_cell.length_b   64.333
_cell.length_c   84.045
_cell.angle_alpha   90.00
_cell.angle_beta   90.00
_cell.angle_gamma   90.00
#
_symmetry.space_group_name_H-M   'P 21 21 2'
#
loop_
_entity.id
_entity.type
_entity.pdbx_description
1 polymer 'Probable tRNA pseudouridine synthase B'
2 polymer 'Ribosome biogenesis protein Nop10'
3 polymer 'Large ribosomal subunit protein eL8'
4 polymer 'H/ACA RNA'
5 polymer "5'-R(*GP*AP*GP*CP*GP*(UR3)P*GP*CP*GP*GP*UP*UP*U)-3"
6 non-polymer 'ZINC ION'
#
loop_
_entity_poly.entity_id
_entity_poly.type
_entity_poly.pdbx_seq_one_letter_code
_entity_poly.pdbx_strand_id
1 'polypeptide(L)'
;MARDEVRRILPADIKREVLIKDENAETNPDWGFPPEKRPIEMHIQFGVINLDKPPGPTSHEVVAWIKKILNLEKAGHGGT
LDPKVSGVLPVALEKATRVVQALLPAGKEYVALMHLHGDVPEDKIIQVMKEFEGEIIQRPPLRSAVKRRLRTRKVYYIEV
LEIEGRDVLFRVGVEAGTYIRSLIHHIGLALGVGAHMSELRRTRSGPFKEDETLITLHDLVDYYYFWKEDGIEEYFRKAI
QPMEKAVEHLPKVWIKDSAVAAVTHGADLAVPGIAKLHAGIKRGDLVAIMTLKDELVALGKAMMTSQEMLEKTKGIAVDV
EKVFMPRDWYPKLWEKRDRS
;
A
2 'polypeptide(L)' MRFRIRKCPKCGRYTLKEVCPVCGEKTKVAHPPRFSPEDPYGEYRRRWKREVLGIGRKEK B
3 'polypeptide(L)'
;MAKPSYVKFEVPKELAEKALQAVEIARDTGKIRKGTNETTKAVERGQAKLVIIAEDVDPEEIVAHLPPLCEEKEIPYIYV
PSKKELGAAAGIEVAAASVAIIEPGKARDLVEEIAMKVKELMK
;
C
4 'polyribonucleotide' GGGCCACGGAAACCGCGCGCGGUGAUCAAUGAGCCGCGUUCGCUCCCGUGGCCCACAA D
5 'polyribonucleotide' GAGCG(UR3)GCGGUUU E
#
loop_
_chem_comp.id
_chem_comp.type
_chem_comp.name
_chem_comp.formula
A RNA linking ADENOSINE-5'-MONOPHOSPHATE 'C10 H14 N5 O7 P'
C RNA linking CYTIDINE-5'-MONOPHOSPHATE 'C9 H14 N3 O8 P'
G RNA linking GUANOSINE-5'-MONOPHOSPHATE 'C10 H14 N5 O8 P'
U RNA linking URIDINE-5'-MONOPHOSPHATE 'C9 H13 N2 O9 P'
UR3 RNA linking 3-METHYLURIDINE-5'-MONOPHOSHATE 'C10 H15 N2 O9 P'
ZN non-polymer 'ZINC ION' 'Zn 2'
#
# COMPACT_ATOMS: atom_id res chain seq x y z
N ILE A 9 1.43 -18.94 -6.26
CA ILE A 9 1.53 -19.77 -5.04
C ILE A 9 2.88 -19.76 -4.31
N LEU A 10 2.87 -19.27 -3.07
CA LEU A 10 4.04 -19.34 -2.18
C LEU A 10 3.81 -20.35 -1.06
N PRO A 11 4.87 -20.79 -0.39
CA PRO A 11 4.80 -21.73 0.74
C PRO A 11 3.79 -21.37 1.85
N ALA A 12 3.61 -20.09 2.14
CA ALA A 12 2.69 -19.67 3.19
C ALA A 12 1.22 -19.96 2.84
N ASP A 13 0.98 -20.26 1.56
CA ASP A 13 -0.37 -20.49 1.06
C ASP A 13 -0.88 -21.90 1.34
N ILE A 14 -0.03 -22.76 1.88
CA ILE A 14 -0.44 -24.12 2.19
C ILE A 14 -1.58 -24.12 3.20
N LYS A 15 -2.57 -24.97 2.97
CA LYS A 15 -3.66 -25.14 3.92
C LYS A 15 -3.14 -25.99 5.07
N ARG A 16 -3.49 -25.61 6.30
CA ARG A 16 -3.06 -26.36 7.47
C ARG A 16 -4.24 -27.06 8.14
N GLU A 17 -4.05 -28.35 8.44
CA GLU A 17 -5.01 -29.07 9.26
C GLU A 17 -4.91 -28.55 10.69
N VAL A 18 -6.05 -28.45 11.35
CA VAL A 18 -6.10 -28.12 12.78
C VAL A 18 -6.39 -29.37 13.61
N LEU A 19 -5.42 -29.83 14.39
CA LEU A 19 -5.69 -30.93 15.30
C LEU A 19 -6.23 -30.39 16.61
N ILE A 20 -7.27 -31.05 17.12
CA ILE A 20 -7.87 -30.69 18.41
C ILE A 20 -7.36 -31.60 19.52
N LYS A 21 -6.87 -31.00 20.60
CA LYS A 21 -6.32 -31.76 21.72
C LYS A 21 -7.29 -31.86 22.92
N ASP A 22 -7.87 -30.72 23.31
CA ASP A 22 -8.92 -30.70 24.34
C ASP A 22 -10.24 -30.18 23.75
N GLU A 23 -11.17 -31.08 23.47
CA GLU A 23 -12.39 -30.70 22.77
C GLU A 23 -13.32 -29.86 23.65
N ASN A 24 -13.12 -29.96 24.96
CA ASN A 24 -14.02 -29.35 25.95
C ASN A 24 -13.64 -27.94 26.40
N ALA A 25 -12.40 -27.53 26.11
CA ALA A 25 -11.91 -26.21 26.48
C ALA A 25 -12.63 -25.08 25.75
N GLU A 26 -13.11 -24.11 26.53
CA GLU A 26 -13.70 -22.89 26.01
C GLU A 26 -12.97 -21.72 26.66
N THR A 27 -13.34 -20.50 26.28
CA THR A 27 -12.62 -19.34 26.75
C THR A 27 -13.52 -18.39 27.53
N ASN A 28 -12.97 -17.81 28.59
CA ASN A 28 -13.69 -16.81 29.38
C ASN A 28 -13.67 -15.44 28.70
N PRO A 29 -14.86 -14.88 28.39
CA PRO A 29 -15.01 -13.61 27.67
C PRO A 29 -14.52 -12.38 28.44
N ASP A 30 -14.34 -12.49 29.74
CA ASP A 30 -13.97 -11.32 30.52
C ASP A 30 -12.45 -11.11 30.59
N TRP A 31 -11.68 -12.07 30.08
CA TRP A 31 -10.22 -11.94 30.03
C TRP A 31 -9.71 -11.65 28.63
N GLY A 32 -8.74 -10.75 28.54
CA GLY A 32 -8.14 -10.43 27.26
C GLY A 32 -9.00 -9.50 26.43
N PHE A 33 -8.49 -9.13 25.27
CA PHE A 33 -9.20 -8.26 24.35
C PHE A 33 -9.02 -8.80 22.92
N PRO A 34 -10.02 -9.51 22.39
CA PRO A 34 -9.95 -9.94 21.00
C PRO A 34 -9.75 -8.71 20.13
N PRO A 35 -9.03 -8.86 19.01
CA PRO A 35 -8.69 -7.74 18.12
C PRO A 35 -9.83 -6.73 17.93
N GLU A 36 -10.99 -7.17 17.47
CA GLU A 36 -12.11 -6.25 17.29
C GLU A 36 -12.87 -6.01 18.58
N LYS A 37 -12.13 -5.57 19.60
CA LYS A 37 -12.72 -5.30 20.90
C LYS A 37 -11.78 -4.34 21.60
N ARG A 38 -10.62 -4.15 21.01
CA ARG A 38 -9.60 -3.27 21.55
C ARG A 38 -9.97 -1.80 21.37
N PRO A 39 -10.03 -1.04 22.46
CA PRO A 39 -10.19 0.40 22.30
C PRO A 39 -9.10 0.96 21.36
N ILE A 40 -9.46 1.92 20.54
CA ILE A 40 -8.59 2.33 19.44
C ILE A 40 -7.15 2.67 19.85
N GLU A 41 -6.95 3.17 21.06
CA GLU A 41 -5.61 3.50 21.52
C GLU A 41 -4.82 2.20 21.63
N MET A 42 -5.52 1.18 22.14
CA MET A 42 -4.93 -0.11 22.38
C MET A 42 -4.79 -0.87 21.09
N HIS A 43 -5.68 -0.57 20.15
CA HIS A 43 -5.62 -1.13 18.82
C HIS A 43 -4.35 -0.68 18.08
N ILE A 44 -3.82 0.49 18.44
CA ILE A 44 -2.60 1.05 17.85
C ILE A 44 -1.34 0.46 18.47
N GLN A 45 -1.35 0.29 19.79
CA GLN A 45 -0.21 -0.27 20.52
C GLN A 45 0.12 -1.63 20.02
N PHE A 46 -0.84 -2.27 19.40
CA PHE A 46 -0.61 -3.62 18.91
C PHE A 46 -0.97 -3.71 17.45
N GLY A 47 -0.74 -2.60 16.77
CA GLY A 47 -1.18 -2.43 15.40
C GLY A 47 -0.13 -2.67 14.34
N VAL A 48 -0.61 -3.07 13.18
CA VAL A 48 0.24 -3.29 12.04
C VAL A 48 -0.43 -2.59 10.87
N ILE A 49 0.31 -1.72 10.22
CA ILE A 49 -0.19 -1.02 9.06
C ILE A 49 0.29 -1.76 7.83
N ASN A 50 -0.62 -2.03 6.91
CA ASN A 50 -0.26 -2.62 5.64
C ASN A 50 -0.06 -1.48 4.62
N LEU A 51 1.16 -0.95 4.59
CA LEU A 51 1.44 0.27 3.84
C LEU A 51 1.88 0.10 2.39
N ASP A 52 1.31 0.92 1.53
CA ASP A 52 1.67 1.02 0.14
C ASP A 52 2.68 2.17 -0.02
N LYS A 53 3.96 1.82 0.06
CA LYS A 53 5.02 2.80 -0.06
C LYS A 53 5.00 3.54 -1.40
N PRO A 54 5.15 4.86 -1.37
CA PRO A 54 5.25 5.67 -2.59
C PRO A 54 6.65 5.60 -3.20
N PRO A 55 6.76 5.82 -4.51
CA PRO A 55 8.03 6.08 -5.17
C PRO A 55 8.70 7.29 -4.53
N GLY A 56 10.00 7.20 -4.24
CA GLY A 56 10.75 8.37 -3.81
C GLY A 56 11.53 8.22 -2.51
N PRO A 57 10.80 8.01 -1.41
CA PRO A 57 11.42 7.92 -0.09
C PRO A 57 12.03 6.55 0.16
N THR A 58 12.96 6.46 1.10
CA THR A 58 13.46 5.16 1.56
C THR A 58 12.47 4.58 2.58
N SER A 59 12.56 3.29 2.83
CA SER A 59 11.60 2.68 3.74
C SER A 59 11.72 3.32 5.11
N HIS A 60 12.96 3.66 5.48
CA HIS A 60 13.23 4.26 6.76
C HIS A 60 12.61 5.65 6.91
N GLU A 61 12.64 6.46 5.85
CA GLU A 61 12.06 7.79 6.00
C GLU A 61 10.54 7.69 6.22
N VAL A 62 9.90 6.97 5.31
CA VAL A 62 8.49 6.64 5.42
C VAL A 62 8.08 6.29 6.86
N VAL A 63 8.91 5.47 7.52
CA VAL A 63 8.64 5.09 8.90
C VAL A 63 8.89 6.21 9.90
N ALA A 64 9.83 7.10 9.60
CA ALA A 64 10.05 8.25 10.48
C ALA A 64 8.85 9.17 10.41
N TRP A 65 8.39 9.41 9.18
CA TRP A 65 7.19 10.22 8.97
C TRP A 65 5.99 9.76 9.81
N ILE A 66 5.58 8.51 9.62
CA ILE A 66 4.50 7.88 10.35
C ILE A 66 4.65 8.09 11.86
N LYS A 67 5.84 7.86 12.35
CA LYS A 67 6.13 8.08 13.75
C LYS A 67 5.88 9.54 14.17
N LYS A 68 6.20 10.47 13.29
CA LYS A 68 6.01 11.87 13.60
C LYS A 68 4.54 12.25 13.54
N ILE A 69 3.86 11.82 12.48
CA ILE A 69 2.50 12.26 12.26
C ILE A 69 1.53 11.69 13.27
N LEU A 70 1.63 10.40 13.54
CA LEU A 70 0.71 9.75 14.48
C LEU A 70 1.24 9.82 15.90
N ASN A 71 2.29 10.61 16.12
CA ASN A 71 2.87 10.75 17.45
C ASN A 71 3.08 9.42 18.16
N LEU A 72 3.82 8.53 17.48
CA LEU A 72 4.25 7.27 18.07
C LEU A 72 5.72 7.41 18.47
N GLU A 73 6.26 6.34 19.08
CA GLU A 73 7.66 6.36 19.47
C GLU A 73 8.42 5.12 19.02
N LYS A 74 7.70 4.10 18.56
CA LYS A 74 8.27 2.84 18.11
C LYS A 74 7.58 2.45 16.82
N ALA A 75 8.28 1.78 15.92
CA ALA A 75 7.71 1.39 14.63
C ALA A 75 8.80 0.95 13.71
N GLY A 76 8.73 -0.27 13.25
CA GLY A 76 9.74 -0.80 12.35
C GLY A 76 9.04 -1.41 11.18
N HIS A 77 9.63 -1.31 9.99
CA HIS A 77 9.02 -1.93 8.82
C HIS A 77 9.58 -3.31 8.56
N GLY A 78 8.94 -4.04 7.65
CA GLY A 78 9.40 -5.36 7.28
C GLY A 78 10.49 -5.27 6.22
N GLY A 79 10.51 -6.21 5.28
CA GLY A 79 11.49 -6.18 4.22
C GLY A 79 11.62 -4.83 3.55
N THR A 80 12.85 -4.29 3.55
CA THR A 80 13.10 -2.96 3.03
C THR A 80 12.82 -2.87 1.54
N LEU A 81 12.09 -1.82 1.17
CA LEU A 81 11.90 -1.47 -0.22
C LEU A 81 12.85 -0.32 -0.54
N ASP A 82 13.41 -0.36 -1.76
CA ASP A 82 14.27 0.70 -2.24
C ASP A 82 13.45 1.91 -2.65
N PRO A 83 14.06 3.09 -2.52
CA PRO A 83 13.46 4.40 -2.82
C PRO A 83 12.55 4.42 -4.06
N LYS A 84 13.01 3.81 -5.14
CA LYS A 84 12.32 3.94 -6.38
C LYS A 84 11.09 3.03 -6.37
N VAL A 85 11.19 1.92 -5.65
CA VAL A 85 10.15 0.89 -5.58
C VAL A 85 8.95 1.25 -4.69
N SER A 86 7.77 0.78 -5.09
CA SER A 86 6.53 1.04 -4.34
C SER A 86 5.95 -0.26 -3.78
N GLY A 87 4.80 -0.13 -3.12
CA GLY A 87 3.98 -1.27 -2.75
C GLY A 87 4.09 -1.72 -1.30
N VAL A 88 3.58 -2.92 -1.06
CA VAL A 88 3.46 -3.54 0.27
C VAL A 88 4.68 -3.40 1.18
N LEU A 89 4.59 -2.47 2.13
CA LEU A 89 5.60 -2.32 3.18
C LEU A 89 4.96 -2.47 4.56
N PRO A 90 5.03 -3.66 5.14
CA PRO A 90 4.33 -3.83 6.41
C PRO A 90 5.00 -2.98 7.46
N VAL A 91 4.22 -2.20 8.21
CA VAL A 91 4.78 -1.37 9.25
C VAL A 91 4.17 -1.69 10.61
N ALA A 92 5.01 -2.10 11.55
CA ALA A 92 4.58 -2.55 12.88
C ALA A 92 4.70 -1.44 13.91
N LEU A 93 3.57 -1.04 14.50
CA LEU A 93 3.55 0.05 15.48
C LEU A 93 3.81 -0.39 16.92
N GLU A 94 4.49 0.47 17.66
CA GLU A 94 4.67 0.30 19.10
C GLU A 94 4.94 -1.12 19.56
N LYS A 95 4.18 -1.58 20.56
CA LYS A 95 4.42 -2.89 21.14
C LYS A 95 4.28 -4.04 20.14
N ALA A 96 3.75 -3.78 18.96
CA ALA A 96 3.74 -4.81 17.91
C ALA A 96 5.05 -4.91 17.10
N THR A 97 5.95 -3.93 17.28
CA THR A 97 7.18 -3.81 16.51
C THR A 97 7.90 -5.11 16.17
N ARG A 98 8.17 -5.93 17.18
CA ARG A 98 8.97 -7.14 16.99
C ARG A 98 8.34 -8.21 16.09
N VAL A 99 7.01 -8.20 15.92
CA VAL A 99 6.37 -9.24 15.09
C VAL A 99 6.98 -9.25 13.69
N VAL A 100 7.58 -8.13 13.32
CA VAL A 100 8.24 -7.98 12.05
C VAL A 100 9.29 -9.07 11.82
N GLN A 101 9.96 -9.49 12.89
CA GLN A 101 10.96 -10.55 12.78
C GLN A 101 10.35 -11.83 12.19
N ALA A 102 9.02 -11.94 12.23
CA ALA A 102 8.29 -13.08 11.70
C ALA A 102 7.85 -12.85 10.25
N LEU A 103 7.97 -11.61 9.79
CA LEU A 103 7.70 -11.26 8.41
C LEU A 103 8.96 -11.41 7.56
N LEU A 104 10.10 -11.05 8.15
CA LEU A 104 11.38 -10.97 7.44
C LEU A 104 11.73 -12.23 6.64
N PRO A 105 11.47 -13.42 7.20
CA PRO A 105 11.77 -14.67 6.50
C PRO A 105 10.77 -15.02 5.36
N ALA A 106 9.50 -14.62 5.48
CA ALA A 106 8.48 -15.08 4.53
C ALA A 106 8.67 -14.55 3.09
N GLY A 107 8.03 -15.25 2.15
CA GLY A 107 8.26 -14.99 0.74
C GLY A 107 7.66 -13.70 0.23
N LYS A 108 8.17 -13.19 -0.89
CA LYS A 108 7.67 -11.96 -1.49
C LYS A 108 7.12 -12.15 -2.92
N GLU A 109 6.23 -11.24 -3.33
CA GLU A 109 5.84 -11.17 -4.74
C GLU A 109 6.05 -9.75 -5.31
N TYR A 110 6.58 -9.67 -6.55
CA TYR A 110 6.72 -8.37 -7.22
C TYR A 110 6.05 -8.36 -8.59
N VAL A 111 5.72 -7.16 -9.07
CA VAL A 111 5.44 -6.98 -10.49
C VAL A 111 6.54 -6.08 -10.98
N ALA A 112 7.26 -6.53 -12.00
CA ALA A 112 8.45 -5.81 -12.44
C ALA A 112 8.36 -5.44 -13.90
N LEU A 113 9.03 -4.35 -14.25
CA LEU A 113 9.12 -3.92 -15.64
C LEU A 113 10.58 -3.98 -16.11
N MET A 114 10.88 -5.05 -16.83
CA MET A 114 12.20 -5.27 -17.36
C MET A 114 12.30 -4.66 -18.78
N HIS A 115 13.33 -3.88 -19.01
CA HIS A 115 13.54 -3.29 -20.32
C HIS A 115 14.79 -3.86 -20.97
N LEU A 116 14.59 -4.60 -22.06
CA LEU A 116 15.69 -5.19 -22.80
C LEU A 116 16.57 -4.16 -23.53
N HIS A 117 17.82 -4.54 -23.81
CA HIS A 117 18.74 -3.64 -24.50
C HIS A 117 18.89 -4.02 -25.95
N GLY A 118 18.31 -5.15 -26.32
CA GLY A 118 18.35 -5.63 -27.69
C GLY A 118 16.98 -6.12 -28.08
N ASP A 119 16.86 -6.64 -29.30
CA ASP A 119 15.60 -7.18 -29.78
C ASP A 119 15.53 -8.68 -29.64
N VAL A 120 14.52 -9.15 -28.92
CA VAL A 120 14.33 -10.58 -28.71
C VAL A 120 12.89 -10.98 -29.00
N PRO A 121 12.70 -12.10 -29.70
CA PRO A 121 11.37 -12.68 -29.98
C PRO A 121 10.60 -12.99 -28.69
N GLU A 122 9.28 -12.81 -28.71
CA GLU A 122 8.47 -12.98 -27.50
C GLU A 122 8.63 -14.40 -26.93
N ASP A 123 8.75 -15.37 -27.82
CA ASP A 123 8.87 -16.78 -27.45
C ASP A 123 10.18 -17.10 -26.70
N LYS A 124 11.29 -16.57 -27.20
CA LYS A 124 12.57 -16.71 -26.52
C LYS A 124 12.44 -16.13 -25.09
N ILE A 125 12.09 -14.86 -25.00
CA ILE A 125 11.84 -14.25 -23.69
C ILE A 125 11.14 -15.20 -22.74
N ILE A 126 9.89 -15.53 -23.03
CA ILE A 126 9.10 -16.31 -22.10
C ILE A 126 9.76 -17.67 -21.83
N GLN A 127 10.00 -18.43 -22.88
CA GLN A 127 10.76 -19.68 -22.71
C GLN A 127 11.95 -19.53 -21.74
N VAL A 128 12.70 -18.43 -21.84
CA VAL A 128 13.92 -18.25 -21.04
C VAL A 128 13.66 -17.79 -19.60
N MET A 129 12.69 -16.87 -19.43
CA MET A 129 12.27 -16.44 -18.10
C MET A 129 11.91 -17.64 -17.27
N LYS A 130 11.27 -18.62 -17.90
CA LYS A 130 10.68 -19.72 -17.14
C LYS A 130 11.71 -20.82 -16.85
N GLU A 131 12.94 -20.61 -17.29
CA GLU A 131 14.07 -21.41 -16.81
C GLU A 131 14.41 -21.04 -15.36
N PHE A 132 14.23 -19.77 -15.02
CA PHE A 132 14.62 -19.23 -13.72
C PHE A 132 13.74 -19.69 -12.55
N GLU A 133 12.54 -20.18 -12.83
CA GLU A 133 11.78 -20.82 -11.77
C GLU A 133 12.71 -21.90 -11.25
N GLY A 134 12.90 -21.92 -9.93
CA GLY A 134 13.79 -22.88 -9.30
C GLY A 134 14.80 -22.14 -8.46
N GLU A 135 16.00 -22.68 -8.39
CA GLU A 135 17.06 -22.05 -7.63
C GLU A 135 17.81 -21.04 -8.51
N ILE A 136 18.33 -20.01 -7.86
CA ILE A 136 19.22 -19.06 -8.53
C ILE A 136 20.29 -18.65 -7.52
N ILE A 137 21.33 -17.97 -8.01
CA ILE A 137 22.50 -17.62 -7.21
C ILE A 137 22.91 -16.18 -7.54
N GLN A 138 22.99 -15.31 -6.53
CA GLN A 138 23.25 -13.90 -6.80
C GLN A 138 24.33 -13.26 -5.92
N ARG A 139 25.22 -12.50 -6.55
CA ARG A 139 26.37 -11.90 -5.89
C ARG A 139 25.99 -10.60 -5.19
N LEU A 150 27.79 -13.60 -2.29
CA LEU A 150 27.63 -14.91 -2.93
C LEU A 150 26.63 -15.81 -2.19
N ARG A 151 25.38 -15.82 -2.64
CA ARG A 151 24.29 -16.55 -1.94
C ARG A 151 23.31 -17.25 -2.89
N THR A 152 22.50 -18.16 -2.34
CA THR A 152 21.53 -18.91 -3.14
C THR A 152 20.06 -18.77 -2.68
N ARG A 153 19.27 -18.06 -3.50
CA ARG A 153 17.88 -17.77 -3.22
C ARG A 153 16.94 -18.58 -4.13
N LYS A 154 15.63 -18.45 -3.93
CA LYS A 154 14.67 -19.21 -4.73
C LYS A 154 13.61 -18.38 -5.47
N VAL A 155 13.34 -18.80 -6.70
CA VAL A 155 12.25 -18.22 -7.45
C VAL A 155 11.08 -19.19 -7.50
N TYR A 156 10.01 -18.82 -6.83
CA TYR A 156 8.87 -19.73 -6.71
C TYR A 156 8.10 -19.83 -8.01
N TYR A 157 7.93 -18.71 -8.68
CA TYR A 157 7.30 -18.72 -9.99
C TYR A 157 7.58 -17.42 -10.75
N ILE A 158 7.56 -17.50 -12.07
CA ILE A 158 7.60 -16.33 -12.95
C ILE A 158 6.46 -16.32 -13.96
N GLU A 159 5.77 -15.19 -14.04
CA GLU A 159 4.68 -15.06 -14.99
C GLU A 159 4.90 -13.82 -15.83
N VAL A 160 4.91 -13.99 -17.14
CA VAL A 160 5.05 -12.88 -18.05
C VAL A 160 3.68 -12.37 -18.43
N LEU A 161 3.35 -11.18 -17.96
CA LEU A 161 2.04 -10.58 -18.18
C LEU A 161 1.93 -10.17 -19.62
N GLU A 162 2.84 -9.31 -20.04
CA GLU A 162 2.77 -8.77 -21.37
C GLU A 162 4.07 -8.15 -21.84
N ILE A 163 4.23 -8.13 -23.15
CA ILE A 163 5.48 -7.76 -23.81
C ILE A 163 5.17 -6.79 -24.93
N GLU A 164 5.64 -5.57 -24.76
CA GLU A 164 5.56 -4.55 -25.81
C GLU A 164 6.96 -4.26 -26.36
N GLY A 165 7.31 -5.00 -27.40
CA GLY A 165 8.61 -4.85 -28.02
C GLY A 165 9.76 -5.17 -27.08
N ARG A 166 10.35 -4.13 -26.49
CA ARG A 166 11.47 -4.32 -25.60
C ARG A 166 11.06 -4.33 -24.15
N ASP A 167 9.81 -3.98 -23.90
CA ASP A 167 9.31 -3.97 -22.52
C ASP A 167 8.68 -5.31 -22.16
N VAL A 168 9.08 -5.81 -20.99
CA VAL A 168 8.50 -7.04 -20.51
C VAL A 168 7.98 -6.82 -19.11
N LEU A 169 6.66 -6.86 -18.96
CA LEU A 169 6.04 -6.80 -17.62
C LEU A 169 5.84 -8.24 -17.16
N PHE A 170 6.26 -8.54 -15.93
CA PHE A 170 6.11 -9.88 -15.42
C PHE A 170 5.92 -9.86 -13.90
N ARG A 171 5.27 -10.89 -13.38
CA ARG A 171 5.09 -11.08 -11.95
C ARG A 171 6.09 -12.14 -11.57
N VAL A 172 6.67 -12.02 -10.38
CA VAL A 172 7.61 -13.02 -9.88
C VAL A 172 7.43 -13.26 -8.38
N GLY A 173 7.60 -14.51 -7.95
CA GLY A 173 7.43 -14.89 -6.56
C GLY A 173 8.72 -15.47 -6.00
N VAL A 174 9.23 -14.88 -4.92
CA VAL A 174 10.55 -15.25 -4.44
C VAL A 174 10.69 -15.52 -2.95
N GLU A 175 11.73 -16.26 -2.61
CA GLU A 175 12.21 -16.38 -1.26
C GLU A 175 12.60 -14.97 -0.84
N ALA A 176 12.55 -14.69 0.46
CA ALA A 176 12.92 -13.37 0.94
C ALA A 176 14.40 -13.24 0.77
N GLY A 177 14.85 -12.01 0.53
CA GLY A 177 16.27 -11.72 0.40
C GLY A 177 16.75 -11.83 -1.04
N THR A 178 15.82 -12.04 -1.96
CA THR A 178 16.12 -12.15 -3.37
C THR A 178 16.12 -10.76 -4.02
N TYR A 179 17.16 -10.43 -4.76
CA TYR A 179 17.21 -9.13 -5.41
C TYR A 179 16.63 -9.22 -6.81
N ILE A 180 15.52 -8.54 -7.03
CA ILE A 180 14.92 -8.53 -8.35
C ILE A 180 15.82 -7.82 -9.37
N ARG A 181 16.40 -6.68 -8.98
CA ARG A 181 17.28 -5.92 -9.89
C ARG A 181 18.30 -6.86 -10.50
N SER A 182 18.93 -7.62 -9.61
CA SER A 182 19.96 -8.56 -9.99
C SER A 182 19.37 -9.66 -10.85
N LEU A 183 18.18 -10.13 -10.49
CA LEU A 183 17.54 -11.17 -11.26
C LEU A 183 17.35 -10.74 -12.70
N ILE A 184 16.80 -9.53 -12.86
CA ILE A 184 16.55 -8.97 -14.18
C ILE A 184 17.82 -8.96 -15.04
N HIS A 185 18.91 -8.45 -14.48
CA HIS A 185 20.25 -8.54 -15.09
C HIS A 185 20.63 -9.93 -15.63
N HIS A 186 20.54 -10.96 -14.79
CA HIS A 186 20.72 -12.34 -15.23
C HIS A 186 19.80 -12.79 -16.36
N ILE A 187 18.56 -12.31 -16.36
CA ILE A 187 17.71 -12.56 -17.52
C ILE A 187 18.28 -11.85 -18.74
N GLY A 188 18.74 -10.60 -18.58
CA GLY A 188 19.36 -9.86 -19.65
C GLY A 188 20.47 -10.68 -20.29
N LEU A 189 21.31 -11.26 -19.44
CA LEU A 189 22.44 -12.05 -19.89
C LEU A 189 22.08 -13.38 -20.53
N ALA A 190 20.99 -13.98 -20.07
CA ALA A 190 20.61 -15.30 -20.58
C ALA A 190 20.09 -15.12 -21.99
N LEU A 191 19.45 -13.97 -22.21
CA LEU A 191 18.99 -13.57 -23.53
C LEU A 191 20.12 -12.96 -24.36
N GLY A 192 21.18 -12.51 -23.71
CA GLY A 192 22.34 -11.99 -24.41
C GLY A 192 22.36 -10.48 -24.59
N VAL A 193 21.22 -9.92 -24.95
CA VAL A 193 21.17 -8.50 -25.24
C VAL A 193 21.28 -7.61 -24.01
N GLY A 194 21.13 -8.18 -22.82
CA GLY A 194 21.15 -7.38 -21.61
C GLY A 194 19.83 -6.71 -21.30
N ALA A 195 19.64 -6.35 -20.03
CA ALA A 195 18.35 -5.90 -19.54
C ALA A 195 18.50 -5.01 -18.31
N HIS A 196 17.48 -4.22 -18.01
CA HIS A 196 17.52 -3.44 -16.79
C HIS A 196 16.12 -3.16 -16.29
N MET A 197 16.04 -3.02 -14.96
CA MET A 197 14.78 -2.84 -14.31
C MET A 197 14.39 -1.38 -14.36
N SER A 198 13.26 -1.11 -14.98
CA SER A 198 12.84 0.27 -15.14
C SER A 198 11.74 0.63 -14.17
N GLU A 199 11.18 -0.39 -13.50
CA GLU A 199 10.02 -0.20 -12.62
C GLU A 199 9.72 -1.45 -11.76
N LEU A 200 9.60 -1.25 -10.45
CA LEU A 200 9.33 -2.36 -9.54
C LEU A 200 8.25 -2.04 -8.53
N ARG A 201 7.36 -3.00 -8.28
CA ARG A 201 6.34 -2.85 -7.26
C ARG A 201 6.15 -4.15 -6.50
N ARG A 202 6.27 -4.10 -5.18
CA ARG A 202 5.98 -5.27 -4.34
C ARG A 202 4.49 -5.39 -4.05
N THR A 203 3.94 -6.57 -4.36
CA THR A 203 2.51 -6.83 -4.33
C THR A 203 2.09 -7.74 -3.16
N ARG A 204 3.08 -8.33 -2.48
CA ARG A 204 2.84 -9.22 -1.37
C ARG A 204 4.11 -9.48 -0.57
N SER A 205 3.98 -9.41 0.75
CA SER A 205 5.06 -9.74 1.66
C SER A 205 4.48 -10.59 2.78
N GLY A 206 4.78 -11.88 2.79
CA GLY A 206 4.17 -12.78 3.76
C GLY A 206 2.65 -12.73 3.72
N PRO A 207 2.02 -12.35 4.84
CA PRO A 207 0.56 -12.35 4.89
C PRO A 207 -0.03 -11.06 4.33
N PHE A 208 0.81 -10.08 4.02
CA PHE A 208 0.34 -8.81 3.48
C PHE A 208 0.24 -8.84 1.96
N LYS A 209 -0.98 -8.64 1.47
CA LYS A 209 -1.26 -8.63 0.04
C LYS A 209 -1.76 -7.25 -0.34
N GLU A 210 -2.06 -7.06 -1.63
CA GLU A 210 -2.81 -5.90 -2.08
C GLU A 210 -4.30 -6.18 -1.91
N ASP A 211 -4.88 -5.69 -0.81
CA ASP A 211 -6.31 -5.84 -0.56
C ASP A 211 -6.90 -4.56 0.01
N GLU A 212 -8.12 -4.64 0.53
CA GLU A 212 -8.76 -3.45 1.07
C GLU A 212 -8.05 -2.90 2.31
N THR A 213 -7.17 -3.69 2.93
CA THR A 213 -6.32 -3.22 4.02
C THR A 213 -5.08 -2.42 3.56
N LEU A 214 -4.68 -2.59 2.30
CA LEU A 214 -3.51 -1.90 1.76
C LEU A 214 -3.77 -0.41 1.59
N ILE A 215 -3.09 0.39 2.40
CA ILE A 215 -3.39 1.82 2.51
C ILE A 215 -2.19 2.73 2.20
N THR A 216 -2.45 3.80 1.47
CA THR A 216 -1.46 4.83 1.17
C THR A 216 -1.24 5.78 2.34
N LEU A 217 -0.17 6.57 2.26
CA LEU A 217 0.16 7.53 3.31
C LEU A 217 -0.91 8.62 3.40
N HIS A 218 -1.42 9.05 2.25
CA HIS A 218 -2.44 10.08 2.25
C HIS A 218 -3.69 9.60 2.99
N ASP A 219 -4.20 8.41 2.65
CA ASP A 219 -5.34 7.85 3.39
C ASP A 219 -5.03 7.75 4.87
N LEU A 220 -3.91 7.11 5.19
CA LEU A 220 -3.48 6.94 6.57
C LEU A 220 -3.41 8.22 7.39
N VAL A 221 -2.70 9.26 6.91
CA VAL A 221 -2.66 10.52 7.67
C VAL A 221 -4.00 11.24 7.68
N ASP A 222 -4.76 11.10 6.60
CA ASP A 222 -6.09 11.70 6.58
C ASP A 222 -7.03 11.00 7.55
N TYR A 223 -7.09 9.67 7.48
CA TYR A 223 -7.86 8.88 8.43
C TYR A 223 -7.53 9.24 9.85
N TYR A 224 -6.25 9.52 10.08
CA TYR A 224 -5.77 9.90 11.38
C TYR A 224 -6.42 11.20 11.83
N TYR A 225 -6.48 12.17 10.93
CA TYR A 225 -7.01 13.49 11.28
C TYR A 225 -8.52 13.50 11.35
N PHE A 226 -9.17 12.68 10.53
CA PHE A 226 -10.60 12.48 10.73
C PHE A 226 -10.83 11.95 12.12
N TRP A 227 -9.97 11.05 12.58
CA TRP A 227 -10.17 10.52 13.90
C TRP A 227 -9.84 11.55 14.96
N LYS A 228 -8.62 12.09 14.91
CA LYS A 228 -8.15 13.03 15.92
C LYS A 228 -8.87 14.39 15.93
N GLU A 229 -9.15 14.95 14.76
CA GLU A 229 -9.71 16.31 14.69
C GLU A 229 -11.22 16.36 14.42
N ASP A 230 -11.77 15.30 13.84
CA ASP A 230 -13.17 15.22 13.50
C ASP A 230 -13.98 14.40 14.52
N GLY A 231 -13.32 13.43 15.16
CA GLY A 231 -13.97 12.63 16.20
C GLY A 231 -14.47 11.28 15.68
N ILE A 232 -14.22 11.01 14.41
CA ILE A 232 -14.61 9.77 13.74
C ILE A 232 -13.47 8.74 13.69
N GLU A 233 -13.50 7.77 14.61
CA GLU A 233 -12.38 6.85 14.74
C GLU A 233 -12.43 5.70 13.73
N GLU A 234 -13.51 5.67 12.96
CA GLU A 234 -13.85 4.53 12.10
C GLU A 234 -12.81 4.21 11.02
N TYR A 235 -12.53 5.17 10.15
CA TYR A 235 -11.62 4.93 9.04
C TYR A 235 -10.19 4.66 9.53
N PHE A 236 -9.79 5.32 10.60
CA PHE A 236 -8.46 5.07 11.13
C PHE A 236 -8.32 3.67 11.69
N ARG A 237 -9.42 3.15 12.22
CA ARG A 237 -9.44 1.79 12.76
C ARG A 237 -9.27 0.77 11.65
N LYS A 238 -9.75 1.11 10.45
CA LYS A 238 -9.61 0.26 9.29
C LYS A 238 -8.21 0.40 8.73
N ALA A 239 -7.60 1.55 8.97
CA ALA A 239 -6.23 1.77 8.52
C ALA A 239 -5.27 0.83 9.24
N ILE A 240 -5.59 0.50 10.50
CA ILE A 240 -4.73 -0.35 11.31
C ILE A 240 -5.29 -1.76 11.43
N GLN A 241 -4.40 -2.71 11.32
CA GLN A 241 -4.79 -4.09 11.45
C GLN A 241 -4.22 -4.55 12.78
N PRO A 242 -4.82 -5.59 13.36
CA PRO A 242 -4.31 -6.18 14.60
C PRO A 242 -3.04 -6.93 14.28
N MET A 243 -2.12 -6.98 15.23
CA MET A 243 -0.83 -7.59 14.99
C MET A 243 -1.00 -9.08 14.69
N GLU A 244 -2.12 -9.66 15.12
CA GLU A 244 -2.40 -11.05 14.82
C GLU A 244 -2.25 -11.30 13.32
N LYS A 245 -2.64 -10.31 12.52
CA LYS A 245 -2.43 -10.30 11.08
C LYS A 245 -1.01 -10.72 10.66
N ALA A 246 0.00 -10.08 11.25
CA ALA A 246 1.40 -10.37 10.92
C ALA A 246 1.80 -11.82 11.10
N VAL A 247 0.92 -12.65 11.61
CA VAL A 247 1.34 -13.99 12.00
C VAL A 247 0.44 -15.08 11.39
N GLU A 248 -0.51 -14.64 10.55
CA GLU A 248 -1.45 -15.51 9.83
C GLU A 248 -0.81 -16.64 9.00
N HIS A 249 0.40 -16.40 8.53
CA HIS A 249 1.10 -17.39 7.71
C HIS A 249 1.89 -18.37 8.56
N LEU A 250 1.87 -18.18 9.87
CA LEU A 250 2.63 -19.05 10.77
C LEU A 250 1.78 -20.22 11.26
N PRO A 251 2.44 -21.32 11.55
CA PRO A 251 1.83 -22.47 12.24
C PRO A 251 1.43 -22.04 13.66
N LYS A 252 0.31 -22.57 14.13
CA LYS A 252 -0.23 -22.09 15.36
C LYS A 252 -0.49 -23.19 16.38
N VAL A 253 -0.36 -22.84 17.64
CA VAL A 253 -0.81 -23.70 18.69
C VAL A 253 -1.58 -22.80 19.63
N TRP A 254 -2.82 -23.22 19.91
CA TRP A 254 -3.75 -22.43 20.69
C TRP A 254 -3.74 -22.97 22.10
N ILE A 255 -3.71 -22.07 23.08
CA ILE A 255 -3.52 -22.49 24.46
C ILE A 255 -4.72 -22.12 25.32
N LYS A 256 -4.93 -22.91 26.38
CA LYS A 256 -6.02 -22.68 27.33
C LYS A 256 -5.73 -21.44 28.18
N ASP A 257 -6.77 -20.79 28.66
CA ASP A 257 -6.62 -19.59 29.48
C ASP A 257 -5.70 -19.82 30.67
N SER A 258 -5.78 -21.02 31.25
CA SER A 258 -4.97 -21.33 32.41
C SER A 258 -3.45 -21.29 32.14
N ALA A 259 -3.06 -21.32 30.87
CA ALA A 259 -1.65 -21.27 30.46
C ALA A 259 -1.13 -19.87 30.08
N VAL A 260 -2.06 -18.99 29.67
CA VAL A 260 -1.76 -17.68 29.09
C VAL A 260 -0.97 -16.68 29.93
N ALA A 261 -1.28 -16.56 31.21
CA ALA A 261 -0.52 -15.65 32.05
C ALA A 261 0.85 -16.26 32.35
N ALA A 262 0.88 -17.58 32.37
CA ALA A 262 2.12 -18.25 32.66
C ALA A 262 3.09 -18.03 31.51
N VAL A 263 2.66 -18.21 30.26
CA VAL A 263 3.60 -17.99 29.15
C VAL A 263 3.93 -16.51 28.95
N THR A 264 3.02 -15.60 29.30
CA THR A 264 3.36 -14.19 29.24
C THR A 264 4.39 -13.81 30.29
N HIS A 265 4.64 -14.70 31.24
CA HIS A 265 5.63 -14.47 32.28
C HIS A 265 6.96 -15.17 31.98
N GLY A 266 7.12 -15.65 30.75
CA GLY A 266 8.32 -16.37 30.39
C GLY A 266 8.29 -17.86 30.75
N ALA A 267 7.17 -18.35 31.30
CA ALA A 267 6.97 -19.79 31.43
C ALA A 267 6.89 -20.41 30.04
N ASP A 268 7.63 -21.50 29.82
CA ASP A 268 7.58 -22.17 28.55
C ASP A 268 6.31 -23.00 28.54
N LEU A 269 5.77 -23.25 27.35
CA LEU A 269 4.46 -23.89 27.22
C LEU A 269 4.55 -25.41 27.18
N ALA A 270 4.04 -26.04 28.25
CA ALA A 270 3.99 -27.49 28.33
C ALA A 270 2.75 -28.05 27.64
N VAL A 271 2.77 -29.35 27.39
CA VAL A 271 1.69 -30.01 26.69
C VAL A 271 0.30 -29.70 27.27
N PRO A 272 0.12 -29.85 28.60
CA PRO A 272 -1.21 -29.67 29.22
C PRO A 272 -1.90 -28.32 28.96
N GLY A 273 -1.17 -27.36 28.40
CA GLY A 273 -1.77 -26.07 28.08
C GLY A 273 -2.36 -25.98 26.69
N ILE A 274 -2.15 -27.01 25.88
CA ILE A 274 -2.58 -26.98 24.48
C ILE A 274 -4.06 -27.33 24.33
N ALA A 275 -4.73 -26.63 23.42
CA ALA A 275 -6.13 -26.88 23.14
C ALA A 275 -6.28 -27.42 21.72
N LYS A 276 -5.36 -27.01 20.86
CA LYS A 276 -5.55 -27.04 19.42
C LYS A 276 -4.25 -26.62 18.78
N LEU A 277 -3.79 -27.38 17.79
CA LEU A 277 -2.57 -26.97 17.08
C LEU A 277 -2.70 -27.20 15.57
N HIS A 278 -1.77 -26.66 14.79
CA HIS A 278 -1.73 -26.99 13.37
C HIS A 278 -0.97 -28.28 13.20
N ALA A 279 -1.42 -29.10 12.27
CA ALA A 279 -0.64 -30.29 11.90
C ALA A 279 0.53 -29.84 11.05
N GLY A 280 1.59 -30.63 11.02
CA GLY A 280 2.74 -30.35 10.20
C GLY A 280 3.89 -29.64 10.89
N ILE A 281 3.70 -29.29 12.16
CA ILE A 281 4.73 -28.61 12.93
C ILE A 281 5.92 -29.53 13.16
N LYS A 282 7.10 -29.07 12.79
CA LYS A 282 8.31 -29.84 13.03
C LYS A 282 9.18 -29.16 14.07
N ARG A 283 9.96 -29.94 14.80
CA ARG A 283 10.86 -29.41 15.81
C ARG A 283 11.70 -28.28 15.23
N GLY A 284 11.80 -27.19 15.97
CA GLY A 284 12.57 -26.05 15.51
C GLY A 284 11.74 -25.01 14.77
N ASP A 285 10.61 -25.42 14.21
CA ASP A 285 9.75 -24.49 13.50
C ASP A 285 9.39 -23.29 14.37
N LEU A 286 9.14 -22.16 13.75
CA LEU A 286 8.66 -20.97 14.45
C LEU A 286 7.14 -21.00 14.46
N VAL A 287 6.55 -20.94 15.66
CA VAL A 287 5.11 -21.04 15.80
C VAL A 287 4.48 -19.85 16.55
N ALA A 288 3.32 -19.41 16.10
CA ALA A 288 2.56 -18.43 16.89
C ALA A 288 1.84 -19.17 17.99
N ILE A 289 1.83 -18.58 19.17
CA ILE A 289 1.04 -19.10 20.28
C ILE A 289 -0.15 -18.19 20.47
N MET A 290 -1.34 -18.75 20.30
CA MET A 290 -2.57 -17.98 20.34
C MET A 290 -3.45 -18.39 21.51
N THR A 291 -4.26 -17.44 22.00
CA THR A 291 -5.39 -17.76 22.84
C THR A 291 -6.57 -18.25 22.00
N LEU A 292 -7.62 -18.72 22.66
CA LEU A 292 -8.81 -19.20 21.95
C LEU A 292 -9.67 -18.07 21.41
N LYS A 293 -9.43 -16.86 21.89
CA LYS A 293 -10.04 -15.67 21.32
C LYS A 293 -9.26 -15.19 20.09
N ASP A 294 -8.24 -15.98 19.71
CA ASP A 294 -7.37 -15.68 18.59
C ASP A 294 -6.52 -14.41 18.81
N GLU A 295 -6.10 -14.18 20.04
CA GLU A 295 -5.09 -13.18 20.32
C GLU A 295 -3.72 -13.84 20.24
N LEU A 296 -2.74 -13.07 19.74
CA LEU A 296 -1.35 -13.50 19.74
C LEU A 296 -0.71 -13.26 21.10
N VAL A 297 -0.27 -14.34 21.73
CA VAL A 297 0.30 -14.24 23.05
C VAL A 297 1.80 -14.12 22.94
N ALA A 298 2.40 -15.09 22.28
CA ALA A 298 3.84 -15.15 22.19
C ALA A 298 4.27 -15.78 20.87
N LEU A 299 5.54 -15.62 20.56
CA LEU A 299 6.13 -16.27 19.41
C LEU A 299 7.18 -17.19 20.02
N GLY A 300 7.37 -18.37 19.43
CA GLY A 300 8.28 -19.35 20.00
C GLY A 300 8.72 -20.38 19.00
N LYS A 301 9.34 -21.45 19.50
CA LYS A 301 9.94 -22.49 18.67
C LYS A 301 9.50 -23.86 19.16
N ALA A 302 9.10 -24.74 18.24
CA ALA A 302 8.62 -26.05 18.66
C ALA A 302 9.73 -26.86 19.29
N MET A 303 9.37 -27.68 20.28
CA MET A 303 10.28 -28.62 20.92
C MET A 303 9.77 -30.02 20.66
N MET A 304 8.63 -30.07 19.96
CA MET A 304 7.98 -31.32 19.58
C MET A 304 7.38 -31.11 18.20
N THR A 305 7.21 -32.19 17.46
CA THR A 305 6.41 -32.12 16.24
C THR A 305 4.95 -31.97 16.63
N SER A 306 4.06 -32.03 15.64
CA SER A 306 2.64 -31.91 15.92
C SER A 306 2.07 -33.19 16.48
N GLN A 307 2.51 -34.32 15.93
CA GLN A 307 2.08 -35.61 16.43
C GLN A 307 2.55 -35.85 17.87
N GLU A 308 3.73 -35.37 18.21
CA GLU A 308 4.20 -35.53 19.59
C GLU A 308 3.32 -34.72 20.55
N MET A 309 3.12 -33.45 20.25
CA MET A 309 2.32 -32.59 21.12
C MET A 309 0.96 -33.20 21.41
N LEU A 310 0.42 -33.93 20.44
CA LEU A 310 -0.92 -34.49 20.56
C LEU A 310 -0.98 -35.70 21.49
N GLU A 311 -0.24 -36.75 21.14
CA GLU A 311 -0.25 -37.99 21.90
C GLU A 311 0.23 -37.76 23.33
N LYS A 312 1.32 -37.00 23.46
CA LYS A 312 1.92 -36.74 24.76
C LYS A 312 0.94 -36.08 25.71
N THR A 313 1.26 -36.09 27.00
CA THR A 313 0.41 -35.47 28.01
C THR A 313 1.21 -34.59 28.96
N LYS A 314 2.53 -34.76 28.95
CA LYS A 314 3.42 -33.90 29.73
C LYS A 314 4.73 -33.61 28.96
N GLY A 315 5.33 -32.46 29.22
CA GLY A 315 6.57 -32.07 28.56
C GLY A 315 6.49 -30.69 27.92
N ILE A 316 7.64 -30.08 27.66
CA ILE A 316 7.72 -28.79 27.00
C ILE A 316 7.44 -28.91 25.51
N ALA A 317 6.38 -28.26 25.06
CA ALA A 317 5.99 -28.32 23.66
C ALA A 317 6.53 -27.14 22.86
N VAL A 318 6.73 -26.01 23.52
CA VAL A 318 7.20 -24.82 22.84
C VAL A 318 8.09 -23.94 23.73
N ASP A 319 9.34 -23.70 23.32
CA ASP A 319 10.17 -22.70 23.99
C ASP A 319 9.66 -21.30 23.62
N VAL A 320 9.08 -20.61 24.60
CA VAL A 320 8.59 -19.25 24.40
C VAL A 320 9.76 -18.28 24.30
N GLU A 321 9.81 -17.53 23.22
CA GLU A 321 10.97 -16.67 22.98
C GLU A 321 10.65 -15.19 22.91
N LYS A 322 9.47 -14.85 22.40
CA LYS A 322 9.06 -13.46 22.32
C LYS A 322 7.64 -13.30 22.79
N VAL A 323 7.46 -12.53 23.86
CA VAL A 323 6.13 -12.36 24.41
C VAL A 323 5.58 -10.98 24.09
N PHE A 324 4.49 -11.00 23.32
CA PHE A 324 3.76 -9.79 22.96
C PHE A 324 2.61 -9.43 23.89
N MET A 325 1.81 -10.41 24.29
CA MET A 325 0.68 -10.13 25.17
C MET A 325 1.13 -9.60 26.54
N PRO A 326 0.55 -8.46 26.98
CA PRO A 326 0.78 -7.85 28.30
C PRO A 326 0.40 -8.81 29.42
N ARG A 327 1.03 -8.66 30.57
CA ARG A 327 0.89 -9.65 31.64
C ARG A 327 -0.40 -9.55 32.46
N ASP A 328 -1.15 -8.48 32.26
CA ASP A 328 -2.34 -8.25 33.06
C ASP A 328 -3.67 -8.55 32.33
N TRP A 329 -3.61 -8.99 31.07
CA TRP A 329 -4.82 -9.30 30.33
C TRP A 329 -5.55 -10.54 30.86
N TYR A 330 -4.77 -11.49 31.36
CA TYR A 330 -5.33 -12.72 31.92
C TYR A 330 -4.85 -12.92 33.36
N PRO A 331 -5.72 -13.50 34.22
CA PRO A 331 -5.42 -13.79 35.62
C PRO A 331 -4.25 -14.75 35.73
N LYS A 332 -3.54 -14.70 36.86
CA LYS A 332 -2.45 -15.63 37.10
C LYS A 332 -3.03 -16.91 37.70
N LEU A 333 -3.68 -17.72 36.85
CA LEU A 333 -4.38 -18.93 37.29
C LEU A 333 -3.49 -20.03 37.86
N TRP A 334 -2.22 -19.71 38.15
CA TRP A 334 -1.36 -20.67 38.85
C TRP A 334 -1.26 -20.26 40.32
N ARG B 4 4.16 4.07 -15.90
CA ARG B 4 3.96 3.06 -16.95
C ARG B 4 3.18 1.80 -16.57
N ILE B 5 3.39 1.31 -15.35
CA ILE B 5 2.66 0.13 -14.89
C ILE B 5 1.24 0.51 -14.43
N ARG B 6 0.26 -0.23 -14.93
CA ARG B 6 -1.14 0.12 -14.67
C ARG B 6 -1.89 -1.07 -14.08
N LYS B 7 -3.12 -0.83 -13.65
CA LYS B 7 -3.89 -1.85 -12.98
C LYS B 7 -5.41 -1.72 -13.19
N CYS B 8 -6.08 -2.83 -13.54
CA CYS B 8 -7.56 -2.89 -13.67
C CYS B 8 -8.15 -2.74 -12.25
N PRO B 9 -9.00 -1.71 -12.03
CA PRO B 9 -9.56 -1.50 -10.68
C PRO B 9 -10.58 -2.58 -10.26
N LYS B 10 -10.98 -3.41 -11.22
CA LYS B 10 -12.01 -4.44 -11.05
C LYS B 10 -11.41 -5.86 -10.94
N CYS B 11 -10.73 -6.32 -12.00
CA CYS B 11 -9.97 -7.58 -12.00
C CYS B 11 -8.72 -7.60 -11.09
N GLY B 12 -8.08 -6.45 -10.89
CA GLY B 12 -6.79 -6.38 -10.21
C GLY B 12 -5.58 -6.81 -11.07
N ARG B 13 -5.81 -6.88 -12.37
CA ARG B 13 -4.78 -7.26 -13.32
C ARG B 13 -3.76 -6.13 -13.58
N TYR B 14 -2.50 -6.51 -13.77
CA TYR B 14 -1.43 -5.56 -14.07
C TYR B 14 -1.14 -5.52 -15.57
N THR B 15 -0.92 -4.32 -16.08
CA THR B 15 -0.84 -4.16 -17.51
C THR B 15 -0.17 -2.82 -17.87
N LEU B 16 0.31 -2.70 -19.10
CA LEU B 16 0.80 -1.45 -19.65
C LEU B 16 -0.26 -0.71 -20.46
N LYS B 17 -1.35 -1.41 -20.79
CA LYS B 17 -2.46 -0.89 -21.59
C LYS B 17 -3.45 -0.07 -20.75
N GLU B 18 -4.34 0.66 -21.42
CA GLU B 18 -5.29 1.52 -20.71
C GLU B 18 -6.67 0.85 -20.59
N VAL B 19 -6.81 -0.29 -21.24
CA VAL B 19 -8.02 -1.08 -21.14
C VAL B 19 -7.65 -2.45 -20.59
N CYS B 20 -8.23 -2.82 -19.44
CA CYS B 20 -8.11 -4.17 -18.86
C CYS B 20 -8.30 -5.14 -20.01
N PRO B 21 -7.28 -5.94 -20.32
CA PRO B 21 -7.44 -6.95 -21.37
C PRO B 21 -8.12 -8.20 -20.79
N VAL B 22 -8.43 -8.15 -19.49
CA VAL B 22 -9.17 -9.20 -18.80
C VAL B 22 -10.68 -8.88 -18.78
N CYS B 23 -11.01 -7.71 -18.27
CA CYS B 23 -12.37 -7.33 -17.92
C CYS B 23 -12.93 -6.21 -18.82
N GLY B 24 -12.04 -5.43 -19.42
CA GLY B 24 -12.45 -4.32 -20.25
C GLY B 24 -12.52 -2.93 -19.59
N GLU B 25 -12.45 -2.87 -18.26
CA GLU B 25 -12.42 -1.57 -17.57
C GLU B 25 -11.16 -0.73 -17.85
N LYS B 26 -11.27 0.57 -17.64
CA LYS B 26 -10.13 1.47 -17.75
C LYS B 26 -9.14 1.22 -16.61
N THR B 27 -7.85 1.20 -16.94
CA THR B 27 -6.81 0.90 -15.96
C THR B 27 -6.23 2.18 -15.36
N LYS B 28 -5.57 2.05 -14.21
CA LYS B 28 -4.93 3.19 -13.56
C LYS B 28 -3.51 2.88 -13.11
N VAL B 29 -2.73 3.94 -12.89
CA VAL B 29 -1.34 3.81 -12.53
C VAL B 29 -1.14 3.10 -11.21
N ALA B 30 -0.34 2.03 -11.23
CA ALA B 30 -0.14 1.18 -10.07
C ALA B 30 0.47 1.88 -8.86
N HIS B 31 1.17 2.98 -9.08
CA HIS B 31 1.88 3.61 -7.98
C HIS B 31 1.03 4.55 -7.17
N PRO B 32 1.22 4.55 -5.85
CA PRO B 32 0.62 5.54 -4.95
C PRO B 32 1.20 6.91 -5.26
N PRO B 33 0.41 7.97 -5.06
CA PRO B 33 0.86 9.36 -5.20
C PRO B 33 2.02 9.66 -4.27
N ARG B 34 2.92 10.53 -4.72
CA ARG B 34 4.09 10.91 -3.93
C ARG B 34 3.64 11.76 -2.76
N PHE B 35 4.30 11.57 -1.62
CA PHE B 35 3.84 12.19 -0.39
C PHE B 35 4.96 13.02 0.23
N SER B 36 4.61 14.17 0.78
CA SER B 36 5.58 14.99 1.52
C SER B 36 5.24 14.99 2.98
N PRO B 37 6.24 14.80 3.84
CA PRO B 37 6.09 14.88 5.29
C PRO B 37 5.62 16.27 5.75
N GLU B 38 5.62 17.25 4.84
CA GLU B 38 5.16 18.61 5.16
C GLU B 38 3.68 18.76 4.78
N ASP B 39 3.25 17.96 3.81
CA ASP B 39 1.87 17.94 3.34
C ASP B 39 1.26 19.34 3.35
N PRO B 40 1.66 20.16 2.37
CA PRO B 40 1.30 21.58 2.26
C PRO B 40 -0.18 21.79 1.98
N TYR B 41 -0.81 20.82 1.34
CA TYR B 41 -2.21 20.95 0.95
C TYR B 41 -3.08 19.89 1.62
N GLY B 42 -2.58 19.30 2.69
CA GLY B 42 -3.37 18.35 3.46
C GLY B 42 -4.70 18.98 3.85
N GLU B 43 -4.64 20.23 4.31
CA GLU B 43 -5.83 20.99 4.71
C GLU B 43 -6.91 20.84 3.66
N TYR B 44 -6.52 20.90 2.38
CA TYR B 44 -7.49 21.02 1.30
C TYR B 44 -7.89 19.69 0.70
N ARG B 45 -6.95 18.76 0.64
CA ARG B 45 -7.27 17.41 0.23
C ARG B 45 -8.37 16.88 1.12
N ARG B 46 -8.12 16.91 2.42
CA ARG B 46 -9.11 16.52 3.43
C ARG B 46 -10.50 17.09 3.19
N ARG B 47 -10.59 18.36 2.83
CA ARG B 47 -11.91 18.93 2.51
C ARG B 47 -12.57 18.19 1.35
N TRP B 48 -11.83 18.02 0.27
CA TRP B 48 -12.33 17.28 -0.86
C TRP B 48 -12.68 15.85 -0.46
N LYS B 49 -11.89 15.29 0.47
CA LYS B 49 -12.03 13.89 0.85
C LYS B 49 -13.25 13.62 1.72
N ARG B 50 -13.50 14.50 2.69
CA ARG B 50 -14.65 14.43 3.58
C ARG B 50 -15.97 14.46 2.83
N GLU B 51 -15.99 15.10 1.67
CA GLU B 51 -17.22 15.23 0.91
C GLU B 51 -17.53 13.91 0.24
N VAL B 52 -16.48 13.25 -0.25
CA VAL B 52 -16.65 11.95 -0.89
C VAL B 52 -17.07 10.89 0.13
N LEU B 53 -17.12 11.26 1.40
CA LEU B 53 -17.37 10.29 2.46
C LEU B 53 -18.52 10.63 3.43
N GLY B 54 -18.60 11.90 3.84
CA GLY B 54 -19.65 12.35 4.75
C GLY B 54 -19.17 12.70 6.15
N PRO C 4 -14.21 11.79 -12.95
CA PRO C 4 -13.64 11.39 -11.66
C PRO C 4 -14.28 12.13 -10.50
N SER C 5 -13.67 12.00 -9.32
CA SER C 5 -14.31 12.47 -8.11
C SER C 5 -13.98 13.91 -7.77
N TYR C 6 -12.82 14.38 -8.20
CA TYR C 6 -12.47 15.76 -7.94
C TYR C 6 -13.29 16.71 -8.81
N VAL C 7 -13.97 16.16 -9.81
CA VAL C 7 -14.79 16.97 -10.71
C VAL C 7 -16.12 17.34 -10.08
N LYS C 8 -16.13 18.48 -9.36
CA LYS C 8 -17.29 18.92 -8.61
C LYS C 8 -18.41 19.49 -9.46
N PHE C 9 -18.40 19.18 -10.76
CA PHE C 9 -19.55 19.45 -11.62
C PHE C 9 -19.30 19.16 -13.09
N GLU C 10 -20.38 18.97 -13.84
CA GLU C 10 -20.29 18.70 -15.27
C GLU C 10 -19.96 20.00 -16.02
N VAL C 11 -19.67 19.87 -17.31
CA VAL C 11 -19.37 21.01 -18.15
C VAL C 11 -19.88 20.78 -19.58
N PRO C 12 -20.62 21.75 -20.12
CA PRO C 12 -21.04 21.71 -21.52
C PRO C 12 -19.85 21.51 -22.46
N LYS C 13 -20.09 20.93 -23.63
CA LYS C 13 -19.02 20.68 -24.60
C LYS C 13 -18.44 21.99 -25.13
N GLU C 14 -19.33 22.90 -25.52
CA GLU C 14 -18.94 24.18 -26.11
C GLU C 14 -18.28 25.07 -25.07
N LEU C 15 -18.58 24.81 -23.80
CA LEU C 15 -18.02 25.60 -22.72
C LEU C 15 -16.54 25.27 -22.48
N ALA C 16 -16.19 23.99 -22.62
CA ALA C 16 -14.82 23.55 -22.40
C ALA C 16 -13.89 24.11 -23.47
N GLU C 17 -14.36 24.06 -24.72
CA GLU C 17 -13.62 24.64 -25.84
C GLU C 17 -13.36 26.14 -25.65
N LYS C 18 -14.28 26.82 -24.96
CA LYS C 18 -14.12 28.22 -24.61
C LYS C 18 -12.86 28.44 -23.79
N ALA C 19 -12.69 27.63 -22.76
CA ALA C 19 -11.57 27.75 -21.83
C ALA C 19 -10.23 27.64 -22.52
N LEU C 20 -10.10 26.66 -23.41
CA LEU C 20 -8.85 26.48 -24.13
C LEU C 20 -8.56 27.69 -25.03
N GLN C 21 -9.60 28.43 -25.39
CA GLN C 21 -9.44 29.63 -26.22
C GLN C 21 -8.73 30.76 -25.48
N ALA C 22 -9.11 30.95 -24.21
CA ALA C 22 -8.58 32.04 -23.41
C ALA C 22 -7.10 31.85 -23.11
N VAL C 23 -6.75 30.71 -22.51
CA VAL C 23 -5.36 30.40 -22.19
C VAL C 23 -4.49 30.48 -23.43
N GLU C 24 -5.03 29.99 -24.55
CA GLU C 24 -4.38 30.08 -25.84
C GLU C 24 -4.03 31.53 -26.13
N ILE C 25 -4.97 32.41 -25.82
CA ILE C 25 -4.79 33.84 -26.04
C ILE C 25 -3.91 34.47 -24.97
N ALA C 26 -4.30 34.31 -23.71
CA ALA C 26 -3.67 35.02 -22.60
C ALA C 26 -2.20 34.65 -22.34
N ARG C 27 -1.62 33.80 -23.18
CA ARG C 27 -0.21 33.42 -23.01
C ARG C 27 0.73 34.31 -23.82
N ASP C 28 0.56 34.25 -25.15
CA ASP C 28 1.36 35.05 -26.08
C ASP C 28 0.98 36.53 -25.96
N THR C 29 -0.06 36.81 -25.19
CA THR C 29 -0.52 38.18 -24.95
C THR C 29 -0.42 38.55 -23.47
N GLY C 30 -1.23 37.91 -22.65
CA GLY C 30 -1.25 38.20 -21.22
C GLY C 30 -0.17 37.48 -20.45
N LYS C 31 -0.54 36.99 -19.26
CA LYS C 31 0.41 36.35 -18.35
C LYS C 31 -0.27 35.20 -17.62
N ILE C 32 0.04 33.97 -18.03
CA ILE C 32 -0.51 32.78 -17.39
C ILE C 32 0.56 32.01 -16.64
N ARG C 33 0.15 31.05 -15.83
CA ARG C 33 1.10 30.19 -15.13
C ARG C 33 0.67 28.72 -15.21
N LYS C 34 1.42 27.92 -15.96
CA LYS C 34 1.07 26.52 -16.24
C LYS C 34 1.80 25.52 -15.30
N GLY C 35 1.24 24.32 -15.13
CA GLY C 35 1.79 23.36 -14.18
C GLY C 35 1.10 23.46 -12.82
N THR C 36 0.74 22.31 -12.26
CA THR C 36 -0.04 22.28 -11.03
C THR C 36 0.62 23.09 -9.90
N ASN C 37 1.93 22.93 -9.77
CA ASN C 37 2.69 23.63 -8.74
C ASN C 37 2.63 25.16 -8.85
N GLU C 38 2.67 25.67 -10.09
CA GLU C 38 2.59 27.11 -10.31
C GLU C 38 1.15 27.60 -10.12
N THR C 39 0.20 26.80 -10.57
CA THR C 39 -1.20 27.19 -10.56
C THR C 39 -1.63 27.35 -9.12
N THR C 40 -1.12 26.46 -8.28
CA THR C 40 -1.46 26.46 -6.88
C THR C 40 -0.87 27.64 -6.14
N LYS C 41 0.42 27.89 -6.35
CA LYS C 41 1.06 29.09 -5.80
C LYS C 41 0.27 30.33 -6.16
N ALA C 42 -0.28 30.32 -7.37
CA ALA C 42 -1.06 31.45 -7.87
C ALA C 42 -2.31 31.66 -7.02
N VAL C 43 -3.13 30.62 -6.90
CA VAL C 43 -4.32 30.68 -6.07
C VAL C 43 -3.97 31.12 -4.65
N GLU C 44 -3.02 30.43 -4.02
CA GLU C 44 -2.54 30.81 -2.70
C GLU C 44 -2.27 32.30 -2.58
N ARG C 45 -1.63 32.87 -3.60
CA ARG C 45 -1.26 34.28 -3.59
C ARG C 45 -2.42 35.15 -4.07
N GLY C 46 -3.41 34.53 -4.70
CA GLY C 46 -4.61 35.24 -5.09
C GLY C 46 -4.34 36.20 -6.22
N GLN C 47 -3.65 35.72 -7.24
CA GLN C 47 -3.39 36.51 -8.42
C GLN C 47 -3.98 35.79 -9.62
N ALA C 48 -4.41 34.56 -9.37
CA ALA C 48 -5.07 33.73 -10.38
C ALA C 48 -6.47 34.26 -10.70
N LYS C 49 -6.73 34.56 -11.97
CA LYS C 49 -8.03 35.08 -12.36
C LYS C 49 -8.99 33.94 -12.64
N LEU C 50 -8.55 32.96 -13.42
CA LEU C 50 -9.33 31.75 -13.66
C LEU C 50 -8.49 30.48 -13.76
N VAL C 51 -8.75 29.54 -12.86
CA VAL C 51 -8.07 28.27 -12.86
C VAL C 51 -8.73 27.24 -13.78
N ILE C 52 -7.95 26.59 -14.62
CA ILE C 52 -8.47 25.53 -15.48
C ILE C 52 -7.93 24.17 -15.03
N ILE C 53 -8.81 23.19 -14.90
CA ILE C 53 -8.43 21.86 -14.42
C ILE C 53 -8.76 20.74 -15.42
N ALA C 54 -7.75 19.95 -15.79
CA ALA C 54 -7.98 18.81 -16.68
C ALA C 54 -8.79 17.73 -15.95
N GLU C 55 -9.51 16.91 -16.72
CA GLU C 55 -10.41 15.93 -16.13
C GLU C 55 -9.83 14.51 -16.03
N ASP C 56 -8.82 14.20 -16.83
CA ASP C 56 -8.21 12.87 -16.81
C ASP C 56 -6.92 12.76 -15.98
N VAL C 57 -6.77 13.64 -14.98
CA VAL C 57 -5.60 13.60 -14.11
C VAL C 57 -5.58 12.35 -13.21
N ASP C 58 -4.50 11.59 -13.31
CA ASP C 58 -4.33 10.36 -12.56
C ASP C 58 -2.92 10.33 -12.02
N PRO C 59 -2.75 10.30 -10.68
CA PRO C 59 -3.77 10.20 -9.61
C PRO C 59 -4.49 11.51 -9.27
N GLU C 60 -5.69 11.39 -8.71
CA GLU C 60 -6.53 12.54 -8.39
C GLU C 60 -5.90 13.50 -7.38
N GLU C 61 -4.99 12.97 -6.57
CA GLU C 61 -4.44 13.73 -5.45
C GLU C 61 -3.55 14.86 -5.93
N ILE C 62 -3.20 14.79 -7.21
CA ILE C 62 -2.37 15.78 -7.89
C ILE C 62 -3.10 17.13 -8.05
N VAL C 63 -4.35 17.07 -8.51
CA VAL C 63 -5.10 18.31 -8.76
C VAL C 63 -6.28 18.50 -7.81
N ALA C 64 -6.58 17.48 -6.99
CA ALA C 64 -7.84 17.46 -6.24
C ALA C 64 -7.86 18.46 -5.10
N HIS C 65 -6.71 19.06 -4.84
CA HIS C 65 -6.67 20.03 -3.76
C HIS C 65 -7.09 21.38 -4.32
N LEU C 66 -7.34 21.45 -5.63
CA LEU C 66 -7.54 22.73 -6.28
C LEU C 66 -8.95 23.24 -6.12
N PRO C 67 -9.94 22.42 -6.50
CA PRO C 67 -11.29 22.97 -6.39
C PRO C 67 -11.60 23.44 -4.97
N PRO C 68 -11.24 22.66 -3.93
CA PRO C 68 -11.49 23.14 -2.56
C PRO C 68 -10.68 24.39 -2.22
N LEU C 69 -9.55 24.59 -2.89
CA LEU C 69 -8.68 25.73 -2.63
C LEU C 69 -9.26 27.01 -3.22
N CYS C 70 -9.72 26.90 -4.45
CA CYS C 70 -10.42 27.98 -5.13
C CYS C 70 -11.64 28.47 -4.34
N GLU C 71 -12.38 27.54 -3.73
CA GLU C 71 -13.50 27.92 -2.89
C GLU C 71 -13.04 28.87 -1.79
N GLU C 72 -11.99 28.46 -1.08
CA GLU C 72 -11.44 29.25 0.02
C GLU C 72 -11.01 30.62 -0.49
N LYS C 73 -10.56 30.65 -1.75
CA LYS C 73 -10.07 31.89 -2.34
C LYS C 73 -11.09 32.53 -3.28
N GLU C 74 -12.29 31.96 -3.33
CA GLU C 74 -13.36 32.44 -4.21
C GLU C 74 -12.83 32.84 -5.59
N ILE C 75 -12.13 31.91 -6.22
CA ILE C 75 -11.59 32.11 -7.56
C ILE C 75 -12.22 31.11 -8.50
N PRO C 76 -12.73 31.59 -9.64
CA PRO C 76 -13.41 30.76 -10.64
C PRO C 76 -12.49 29.68 -11.20
N TYR C 77 -13.03 28.48 -11.39
CA TYR C 77 -12.25 27.38 -11.95
C TYR C 77 -13.10 26.51 -12.86
N ILE C 78 -12.52 26.09 -13.97
CA ILE C 78 -13.27 25.30 -14.94
C ILE C 78 -12.50 24.04 -15.29
N TYR C 79 -13.21 23.03 -15.80
CA TYR C 79 -12.57 21.80 -16.25
C TYR C 79 -12.50 21.70 -17.77
N VAL C 80 -11.47 21.03 -18.26
CA VAL C 80 -11.33 20.80 -19.67
C VAL C 80 -11.09 19.32 -19.85
N PRO C 81 -11.45 18.78 -21.03
CA PRO C 81 -11.39 17.33 -21.26
C PRO C 81 -10.00 16.72 -21.05
N SER C 82 -8.97 17.33 -21.64
CA SER C 82 -7.69 16.65 -21.78
C SER C 82 -6.48 17.41 -21.21
N LYS C 83 -5.65 16.71 -20.47
CA LYS C 83 -4.38 17.26 -19.99
C LYS C 83 -3.33 17.35 -21.10
N LYS C 84 -3.56 16.67 -22.21
CA LYS C 84 -2.68 16.76 -23.37
C LYS C 84 -2.95 18.03 -24.18
N GLU C 85 -4.22 18.33 -24.41
CA GLU C 85 -4.58 19.52 -25.18
C GLU C 85 -4.44 20.79 -24.34
N LEU C 86 -4.69 20.67 -23.04
CA LEU C 86 -4.53 21.81 -22.14
C LEU C 86 -3.06 22.22 -22.08
N GLY C 87 -2.18 21.23 -22.16
CA GLY C 87 -0.75 21.49 -22.21
C GLY C 87 -0.38 22.19 -23.51
N ALA C 88 -0.73 21.58 -24.63
CA ALA C 88 -0.42 22.14 -25.94
C ALA C 88 -0.93 23.57 -26.09
N ALA C 89 -2.06 23.86 -25.45
CA ALA C 89 -2.68 25.17 -25.51
C ALA C 89 -2.08 26.15 -24.50
N ALA C 90 -0.82 25.92 -24.13
CA ALA C 90 -0.15 26.75 -23.14
C ALA C 90 1.32 26.94 -23.48
N GLY C 91 1.60 26.99 -24.78
CA GLY C 91 2.94 27.27 -25.27
C GLY C 91 3.96 26.18 -24.98
N ILE C 92 3.48 25.05 -24.47
CA ILE C 92 4.36 23.92 -24.19
C ILE C 92 3.89 22.65 -24.93
N GLU C 93 4.83 21.83 -25.37
CA GLU C 93 4.50 20.63 -26.15
C GLU C 93 4.34 19.39 -25.28
N VAL C 94 4.29 19.60 -23.96
CA VAL C 94 4.08 18.51 -23.02
C VAL C 94 2.59 18.43 -22.67
N ALA C 95 2.30 18.14 -21.41
CA ALA C 95 0.94 18.07 -20.90
C ALA C 95 0.87 18.89 -19.61
N ALA C 96 -0.30 19.45 -19.35
CA ALA C 96 -0.50 20.21 -18.13
C ALA C 96 -1.79 19.80 -17.43
N ALA C 97 -1.68 19.46 -16.16
CA ALA C 97 -2.83 19.05 -15.40
C ALA C 97 -3.61 20.26 -14.91
N SER C 98 -2.96 21.42 -14.94
CA SER C 98 -3.52 22.59 -14.28
C SER C 98 -2.94 23.91 -14.81
N VAL C 99 -3.81 24.81 -15.25
CA VAL C 99 -3.37 26.16 -15.60
C VAL C 99 -4.17 27.25 -14.90
N ALA C 100 -3.50 28.38 -14.68
CA ALA C 100 -4.12 29.50 -14.03
C ALA C 100 -3.64 30.77 -14.71
N ILE C 101 -4.51 31.36 -15.51
CA ILE C 101 -4.24 32.64 -16.09
C ILE C 101 -4.14 33.73 -15.01
N ILE C 102 -2.91 34.15 -14.73
CA ILE C 102 -2.65 35.22 -13.78
C ILE C 102 -3.24 36.52 -14.31
N GLU C 103 -2.93 36.81 -15.57
CA GLU C 103 -3.37 38.05 -16.20
C GLU C 103 -3.92 37.81 -17.61
N PRO C 104 -5.15 38.28 -17.86
CA PRO C 104 -5.92 38.02 -19.09
C PRO C 104 -5.42 38.79 -20.31
N GLY C 105 -5.66 38.25 -21.50
CA GLY C 105 -5.30 38.91 -22.74
C GLY C 105 -6.52 39.33 -23.53
N LYS C 106 -6.49 39.10 -24.83
CA LYS C 106 -7.64 39.40 -25.69
C LYS C 106 -8.92 38.76 -25.14
N ALA C 107 -8.75 37.77 -24.28
CA ALA C 107 -9.88 37.01 -23.77
C ALA C 107 -10.39 37.52 -22.43
N ARG C 108 -10.35 38.83 -22.23
CA ARG C 108 -10.83 39.42 -20.98
C ARG C 108 -12.35 39.30 -20.83
N ASP C 109 -13.05 39.44 -21.95
CA ASP C 109 -14.51 39.31 -21.96
C ASP C 109 -14.88 37.83 -21.81
N LEU C 110 -14.29 37.02 -22.69
CA LEU C 110 -14.51 35.58 -22.71
C LEU C 110 -14.26 34.96 -21.34
N VAL C 111 -13.40 35.59 -20.55
CA VAL C 111 -13.15 35.17 -19.17
C VAL C 111 -14.29 35.60 -18.25
N GLU C 112 -14.71 36.85 -18.37
CA GLU C 112 -15.83 37.35 -17.57
C GLU C 112 -17.08 36.52 -17.84
N GLU C 113 -17.14 35.94 -19.03
CA GLU C 113 -18.28 35.13 -19.45
C GLU C 113 -18.32 33.77 -18.75
N ILE C 114 -17.14 33.26 -18.41
CA ILE C 114 -17.05 31.91 -17.85
C ILE C 114 -17.40 31.82 -16.36
N ALA C 115 -17.00 32.83 -15.59
CA ALA C 115 -17.37 32.89 -14.18
C ALA C 115 -18.89 32.91 -14.05
N MET C 116 -19.55 33.47 -15.07
CA MET C 116 -21.00 33.50 -15.12
C MET C 116 -21.57 32.10 -15.22
N LYS C 117 -20.97 31.27 -16.07
CA LYS C 117 -21.49 29.93 -16.30
C LYS C 117 -21.03 28.87 -15.29
N VAL C 118 -19.95 29.15 -14.54
CA VAL C 118 -19.56 28.24 -13.45
C VAL C 118 -20.43 28.50 -12.23
N LYS C 119 -20.67 29.78 -11.94
CA LYS C 119 -21.51 30.12 -10.81
C LYS C 119 -22.89 29.48 -10.99
N GLU C 120 -23.31 29.35 -12.25
CA GLU C 120 -24.58 28.71 -12.58
C GLU C 120 -24.54 27.20 -12.34
N LEU C 121 -23.34 26.64 -12.37
CA LEU C 121 -23.19 25.18 -12.29
C LEU C 121 -22.86 24.71 -10.88
N MET C 122 -23.40 25.38 -9.88
CA MET C 122 -23.19 25.02 -8.48
C MET C 122 -24.43 25.28 -7.63
P UR3 E 6 14.39 -8.17 1.94
OP1 UR3 E 6 14.39 -9.56 1.41
OP2 UR3 E 6 13.23 -7.32 1.60
O5' UR3 E 6 15.73 -7.42 1.49
C5' UR3 E 6 15.89 -6.01 1.72
C4' UR3 E 6 17.32 -5.55 1.49
O4' UR3 E 6 17.81 -6.16 0.28
C1' UR3 E 6 17.79 -5.18 -0.75
N1 UR3 E 6 16.42 -5.13 -1.31
C6 UR3 E 6 15.88 -3.91 -1.65
C2 UR3 E 6 15.72 -6.30 -1.52
O2 UR3 E 6 16.16 -7.41 -1.25
N3 UR3 E 6 14.46 -6.14 -2.05
C3U UR3 E 6 13.71 -7.40 -2.27
C4 UR3 E 6 13.86 -4.95 -2.42
O4 UR3 E 6 12.72 -4.96 -2.88
C5 UR3 E 6 14.65 -3.78 -2.18
C2' UR3 E 6 18.23 -3.92 -0.03
O2' UR3 E 6 19.64 -3.96 0.09
C3' UR3 E 6 17.46 -4.05 1.29
O3' UR3 E 6 18.08 -3.41 2.41
ZN ZN F . -9.27 -4.85 -12.14
#